data_3OVP
#
_entry.id   3OVP
#
_cell.length_a   63.773
_cell.length_b   46.758
_cell.length_c   73.314
_cell.angle_alpha   90.00
_cell.angle_beta   89.97
_cell.angle_gamma   90.00
#
_symmetry.space_group_name_H-M   'P 1 21 1'
#
loop_
_entity.id
_entity.type
_entity.pdbx_description
1 polymer 'Ribulose-phosphate 3-epimerase'
2 non-polymer 'FE (II) ION'
3 non-polymer 3,6,9,12,15,18,21,24,27-NONAOXANONACOSANE-1,29-DIOL
4 water water
#
_entity_poly.entity_id   1
_entity_poly.type   'polypeptide(L)'
_entity_poly.pdbx_seq_one_letter_code
;MASGCKIGPSILNSDLANLGAECLRMLDSGADYLHLDVMDGHFVPNITFGHPVVESLRKQLGQDPFFDMHMMVSKPEQWV
KPMAVAGANQYTFHLEATENPGALIKDIRENGMKVGLAIKPGTSVEYLAPWANQIDMALVMTVEPGFGGQKFMEDMMPKV
HWLRTQFPSLDIEVDGGVGPDTVHKCAEAGANMIVSGSAIMRSEDPRSVINLLRNVCSEAAQKRSLDR
;
_entity_poly.pdbx_strand_id   A,B
#
# COMPACT_ATOMS: atom_id res chain seq x y z
N GLY A 4 21.05 -19.97 15.17
CA GLY A 4 20.70 -18.58 14.96
C GLY A 4 20.19 -18.32 13.55
N CYS A 5 19.63 -19.36 12.93
CA CYS A 5 19.13 -19.23 11.57
CA CYS A 5 19.13 -19.26 11.57
C CYS A 5 17.62 -19.08 11.56
N LYS A 6 17.15 -18.14 10.74
CA LYS A 6 15.75 -17.78 10.80
C LYS A 6 15.15 -17.60 9.43
N ILE A 7 13.88 -17.98 9.33
CA ILE A 7 13.14 -17.93 8.07
C ILE A 7 12.02 -16.92 8.16
N GLY A 8 12.00 -15.98 7.21
CA GLY A 8 11.04 -14.89 7.19
C GLY A 8 10.30 -14.84 5.87
N PRO A 9 9.08 -15.37 5.83
CA PRO A 9 8.38 -15.34 4.56
C PRO A 9 8.06 -13.91 4.13
N SER A 10 8.16 -13.64 2.83
CA SER A 10 7.70 -12.40 2.27
CA SER A 10 7.68 -12.38 2.29
C SER A 10 6.28 -12.64 1.74
N ILE A 11 5.45 -11.63 1.81
CA ILE A 11 4.04 -11.84 1.54
C ILE A 11 3.43 -11.11 0.33
N LEU A 12 4.27 -10.64 -0.59
CA LEU A 12 3.79 -9.89 -1.75
C LEU A 12 3.07 -10.80 -2.72
N ASN A 13 3.39 -12.09 -2.63
CA ASN A 13 2.73 -13.05 -3.51
CA ASN A 13 2.81 -13.13 -3.45
C ASN A 13 1.57 -13.73 -2.82
N SER A 14 1.15 -13.15 -1.70
CA SER A 14 0.03 -13.71 -0.95
C SER A 14 -1.28 -13.05 -1.35
N ASP A 15 -2.36 -13.54 -0.79
CA ASP A 15 -3.65 -12.89 -0.98
C ASP A 15 -3.67 -11.63 -0.11
N LEU A 16 -3.35 -10.49 -0.70
CA LEU A 16 -3.23 -9.25 0.06
C LEU A 16 -4.58 -8.72 0.58
N ALA A 17 -5.69 -9.25 0.04
CA ALA A 17 -7.01 -8.88 0.56
C ALA A 17 -7.34 -9.64 1.82
N ASN A 18 -6.52 -10.64 2.12
CA ASN A 18 -6.71 -11.46 3.33
C ASN A 18 -5.36 -11.62 4.01
N LEU A 19 -4.70 -10.48 4.24
CA LEU A 19 -3.30 -10.49 4.67
C LEU A 19 -3.15 -11.09 6.07
N GLY A 20 -4.13 -10.85 6.94
CA GLY A 20 -4.05 -11.37 8.30
C GLY A 20 -4.00 -12.89 8.29
N ALA A 21 -4.88 -13.50 7.51
CA ALA A 21 -4.95 -14.95 7.43
C ALA A 21 -3.64 -15.53 6.89
N GLU A 22 -3.10 -14.86 5.86
CA GLU A 22 -1.86 -15.34 5.26
C GLU A 22 -0.72 -15.27 6.25
N CYS A 23 -0.65 -14.19 7.02
CA CYS A 23 0.40 -14.09 8.03
C CYS A 23 0.19 -15.09 9.14
N LEU A 24 -1.05 -15.28 9.57
CA LEU A 24 -1.30 -16.22 10.65
C LEU A 24 -0.88 -17.63 10.27
N ARG A 25 -1.19 -18.05 9.05
CA ARG A 25 -0.84 -19.41 8.68
C ARG A 25 0.68 -19.55 8.49
N MET A 26 1.37 -18.47 8.12
CA MET A 26 2.83 -18.53 8.09
C MET A 26 3.42 -18.72 9.47
N LEU A 27 2.88 -18.01 10.45
CA LEU A 27 3.32 -18.15 11.83
C LEU A 27 3.03 -19.54 12.38
N ASP A 28 1.84 -20.05 12.09
CA ASP A 28 1.49 -21.40 12.50
C ASP A 28 2.35 -22.45 11.81
N SER A 29 2.88 -22.10 10.65
CA SER A 29 3.72 -23.01 9.88
C SER A 29 5.16 -22.98 10.34
N GLY A 30 5.44 -22.15 11.34
CA GLY A 30 6.76 -22.10 11.94
C GLY A 30 7.67 -20.98 11.45
N ALA A 31 7.12 -19.98 10.76
CA ALA A 31 7.93 -18.84 10.36
C ALA A 31 8.54 -18.16 11.59
N ASP A 32 9.80 -17.77 11.49
CA ASP A 32 10.46 -17.11 12.61
C ASP A 32 10.11 -15.63 12.68
N TYR A 33 9.82 -15.03 11.53
CA TYR A 33 9.42 -13.63 11.47
C TYR A 33 8.68 -13.40 10.15
N LEU A 34 8.13 -12.20 9.99
CA LEU A 34 7.48 -11.85 8.73
C LEU A 34 8.25 -10.70 8.10
N HIS A 35 8.49 -10.80 6.80
CA HIS A 35 9.25 -9.79 6.06
C HIS A 35 8.25 -9.02 5.22
N LEU A 36 8.09 -7.73 5.52
CA LEU A 36 7.02 -6.93 4.93
C LEU A 36 7.62 -5.89 3.99
N ASP A 37 7.30 -6.03 2.71
CA ASP A 37 7.90 -5.19 1.68
C ASP A 37 7.11 -3.92 1.46
N VAL A 38 7.73 -2.78 1.77
CA VAL A 38 7.09 -1.47 1.65
C VAL A 38 7.74 -0.75 0.49
N MET A 39 6.95 -0.50 -0.55
CA MET A 39 7.46 0.16 -1.75
C MET A 39 6.64 1.41 -2.04
N ASP A 40 7.32 2.52 -2.33
CA ASP A 40 6.65 3.80 -2.49
C ASP A 40 6.46 4.27 -3.93
N GLY A 41 6.79 3.41 -4.89
CA GLY A 41 6.60 3.75 -6.28
C GLY A 41 7.63 4.71 -6.83
N HIS A 42 8.58 5.10 -5.99
CA HIS A 42 9.61 6.05 -6.37
C HIS A 42 10.99 5.44 -6.29
N PHE A 43 11.34 4.89 -5.13
CA PHE A 43 12.60 4.20 -4.98
C PHE A 43 12.64 2.94 -5.84
N VAL A 44 11.49 2.28 -5.96
CA VAL A 44 11.27 1.15 -6.84
C VAL A 44 9.96 1.36 -7.58
N PRO A 45 9.81 0.73 -8.76
CA PRO A 45 8.64 0.95 -9.60
C PRO A 45 7.39 0.12 -9.23
N ASN A 46 7.03 0.12 -7.95
CA ASN A 46 5.82 -0.57 -7.50
C ASN A 46 5.39 0.08 -6.21
N ILE A 47 4.10 0.01 -5.89
CA ILE A 47 3.58 0.52 -4.63
C ILE A 47 2.90 -0.66 -3.99
N THR A 48 3.31 -1.00 -2.77
CA THR A 48 2.74 -2.18 -2.12
C THR A 48 1.80 -1.74 -1.01
N PHE A 49 2.36 -1.42 0.14
CA PHE A 49 1.56 -0.92 1.25
C PHE A 49 2.47 -0.20 2.23
N GLY A 50 1.86 0.61 3.09
CA GLY A 50 2.62 1.41 4.05
C GLY A 50 2.23 1.12 5.48
N HIS A 51 2.65 1.99 6.38
CA HIS A 51 2.37 1.81 7.82
C HIS A 51 0.90 1.56 8.21
N PRO A 52 -0.08 2.15 7.49
CA PRO A 52 -1.47 1.88 7.89
C PRO A 52 -1.80 0.39 7.84
N VAL A 53 -1.26 -0.29 6.84
CA VAL A 53 -1.48 -1.74 6.76
C VAL A 53 -0.74 -2.44 7.88
N VAL A 54 0.48 -2.00 8.14
CA VAL A 54 1.28 -2.59 9.22
C VAL A 54 0.57 -2.47 10.55
N GLU A 55 0.01 -1.30 10.81
CA GLU A 55 -0.76 -1.08 12.04
C GLU A 55 -1.93 -2.06 12.20
N SER A 56 -2.73 -2.25 11.15
CA SER A 56 -3.81 -3.22 11.19
C SER A 56 -3.28 -4.64 11.39
N LEU A 57 -2.18 -4.96 10.73
CA LEU A 57 -1.60 -6.30 10.85
C LEU A 57 -1.17 -6.54 12.29
N ARG A 58 -0.48 -5.55 12.87
CA ARG A 58 -0.03 -5.68 14.24
C ARG A 58 -1.21 -5.86 15.19
N LYS A 59 -2.29 -5.14 14.95
CA LYS A 59 -3.48 -5.25 15.79
C LYS A 59 -4.07 -6.67 15.74
N GLN A 60 -4.10 -7.27 14.56
N GLN A 60 -4.06 -7.27 14.55
CA GLN A 60 -4.67 -8.60 14.44
CA GLN A 60 -4.64 -8.59 14.31
C GLN A 60 -3.75 -9.66 15.04
C GLN A 60 -3.76 -9.77 14.71
N LEU A 61 -2.45 -9.54 14.74
CA LEU A 61 -1.51 -10.61 15.08
C LEU A 61 -1.06 -10.55 16.54
N GLY A 62 -1.28 -9.40 17.18
CA GLY A 62 -0.85 -9.24 18.55
C GLY A 62 0.61 -8.85 18.64
N GLN A 63 1.13 -8.82 19.86
CA GLN A 63 2.44 -8.24 20.12
CA GLN A 63 2.44 -8.25 20.15
C GLN A 63 3.64 -9.15 19.82
N ASP A 64 3.41 -10.45 19.73
CA ASP A 64 4.52 -11.41 19.63
C ASP A 64 5.30 -11.49 18.30
N PRO A 65 4.60 -11.52 17.17
CA PRO A 65 5.33 -11.72 15.90
C PRO A 65 6.30 -10.59 15.58
N PHE A 66 7.43 -10.94 14.98
CA PHE A 66 8.49 -9.99 14.62
C PHE A 66 8.27 -9.54 13.19
N PHE A 67 8.15 -8.22 12.98
CA PHE A 67 8.03 -7.65 11.65
C PHE A 67 9.37 -7.06 11.21
N ASP A 68 9.91 -7.59 10.11
CA ASP A 68 11.07 -6.99 9.46
C ASP A 68 10.54 -6.13 8.31
N MET A 69 10.64 -4.81 8.46
CA MET A 69 10.12 -3.90 7.43
C MET A 69 11.19 -3.62 6.39
N HIS A 70 10.95 -4.08 5.18
CA HIS A 70 11.89 -3.83 4.10
C HIS A 70 11.44 -2.54 3.42
N MET A 71 12.14 -1.45 3.74
CA MET A 71 11.68 -0.11 3.36
C MET A 71 12.31 0.30 2.02
N MET A 72 11.63 -0.08 0.96
CA MET A 72 12.05 0.31 -0.39
C MET A 72 11.38 1.63 -0.72
N VAL A 73 11.81 2.67 -0.01
CA VAL A 73 11.22 3.99 -0.10
C VAL A 73 12.33 5.02 -0.30
N SER A 74 12.00 6.12 -0.96
CA SER A 74 13.04 7.08 -1.28
C SER A 74 13.44 7.97 -0.11
N LYS A 75 12.54 8.14 0.84
CA LYS A 75 12.80 8.95 2.03
CA LYS A 75 12.81 8.96 2.02
C LYS A 75 12.60 8.15 3.30
N PRO A 76 13.53 7.23 3.60
CA PRO A 76 13.35 6.35 4.75
C PRO A 76 13.24 7.13 6.06
N GLU A 77 13.82 8.32 6.10
CA GLU A 77 13.72 9.15 7.31
C GLU A 77 12.26 9.44 7.66
N GLN A 78 11.42 9.54 6.64
CA GLN A 78 10.04 9.99 6.82
C GLN A 78 9.13 8.98 7.53
N TRP A 79 9.47 7.70 7.43
CA TRP A 79 8.54 6.65 7.86
C TRP A 79 8.98 5.93 9.13
N VAL A 80 10.06 6.41 9.74
CA VAL A 80 10.61 5.78 10.93
C VAL A 80 9.58 5.79 12.05
N LYS A 81 9.10 6.98 12.39
CA LYS A 81 8.14 7.14 13.48
C LYS A 81 6.81 6.46 13.18
N PRO A 82 6.26 6.65 11.96
CA PRO A 82 5.03 5.94 11.61
C PRO A 82 5.15 4.42 11.75
N MET A 83 6.26 3.84 11.29
CA MET A 83 6.46 2.40 11.43
C MET A 83 6.64 1.97 12.90
N ALA A 84 7.31 2.80 13.69
CA ALA A 84 7.47 2.47 15.11
C ALA A 84 6.11 2.48 15.80
N VAL A 85 5.31 3.48 15.51
CA VAL A 85 3.97 3.59 16.09
C VAL A 85 3.08 2.43 15.61
N ALA A 86 3.30 1.98 14.38
CA ALA A 86 2.52 0.87 13.81
C ALA A 86 2.87 -0.46 14.45
N GLY A 87 4.04 -0.55 15.08
CA GLY A 87 4.43 -1.75 15.77
C GLY A 87 5.46 -2.60 15.05
N ALA A 88 6.24 -1.98 14.17
CA ALA A 88 7.33 -2.68 13.48
C ALA A 88 8.48 -2.98 14.45
N ASN A 89 9.08 -4.16 14.32
CA ASN A 89 10.26 -4.48 15.15
C ASN A 89 11.57 -3.98 14.57
N GLN A 90 11.72 -4.11 13.26
CA GLN A 90 12.98 -3.80 12.61
C GLN A 90 12.70 -2.98 11.37
N TYR A 91 13.49 -1.94 11.19
CA TYR A 91 13.35 -1.03 10.07
C TYR A 91 14.57 -1.21 9.18
N THR A 92 14.38 -1.84 8.03
CA THR A 92 15.48 -2.15 7.14
C THR A 92 15.42 -1.16 6.00
N PHE A 93 16.33 -0.20 6.02
CA PHE A 93 16.34 0.83 4.98
C PHE A 93 17.44 0.56 3.97
N HIS A 94 17.31 1.16 2.80
CA HIS A 94 18.31 0.98 1.76
C HIS A 94 19.43 2.00 1.86
N LEU A 95 20.65 1.51 1.81
CA LEU A 95 21.80 2.41 1.85
C LEU A 95 21.75 3.43 0.71
N GLU A 96 21.19 3.01 -0.42
CA GLU A 96 21.08 3.90 -1.58
C GLU A 96 20.10 5.06 -1.42
N ALA A 97 19.23 4.97 -0.42
CA ALA A 97 18.12 5.90 -0.29
C ALA A 97 18.39 7.06 0.67
N THR A 98 19.60 7.12 1.21
CA THR A 98 19.89 8.22 2.14
C THR A 98 21.31 8.70 2.00
N GLU A 99 21.51 10.00 2.14
CA GLU A 99 22.85 10.58 2.10
CA GLU A 99 22.86 10.55 2.09
C GLU A 99 23.52 10.47 3.46
N ASN A 100 22.73 10.18 4.49
CA ASN A 100 23.23 10.15 5.86
CA ASN A 100 23.27 10.12 5.84
C ASN A 100 22.76 8.93 6.64
N PRO A 101 23.34 7.76 6.36
CA PRO A 101 22.92 6.51 6.99
C PRO A 101 23.10 6.54 8.50
N GLY A 102 24.17 7.18 8.98
CA GLY A 102 24.47 7.18 10.40
C GLY A 102 23.37 7.84 11.21
N ALA A 103 22.91 8.99 10.72
CA ALA A 103 21.87 9.75 11.37
C ALA A 103 20.58 8.94 11.40
N LEU A 104 20.30 8.26 10.30
CA LEU A 104 19.07 7.48 10.19
C LEU A 104 19.14 6.27 11.13
N ILE A 105 20.30 5.64 11.21
CA ILE A 105 20.49 4.52 12.13
C ILE A 105 20.16 4.96 13.56
N LYS A 106 20.65 6.14 13.94
CA LYS A 106 20.42 6.68 15.27
C LYS A 106 18.93 6.88 15.49
N ASP A 107 18.26 7.44 14.49
CA ASP A 107 16.84 7.75 14.62
C ASP A 107 16.01 6.49 14.80
N ILE A 108 16.36 5.44 14.04
CA ILE A 108 15.65 4.17 14.13
C ILE A 108 15.75 3.62 15.55
N ARG A 109 16.95 3.62 16.13
CA ARG A 109 17.13 3.15 17.50
C ARG A 109 16.40 4.00 18.52
N GLU A 110 16.43 5.31 18.32
CA GLU A 110 15.73 6.21 19.25
C GLU A 110 14.23 5.98 19.22
N ASN A 111 13.74 5.41 18.13
CA ASN A 111 12.33 5.07 18.01
C ASN A 111 12.03 3.63 18.42
N GLY A 112 13.03 2.98 19.02
CA GLY A 112 12.83 1.66 19.61
C GLY A 112 12.91 0.47 18.69
N MET A 113 13.36 0.66 17.45
CA MET A 113 13.39 -0.43 16.50
C MET A 113 14.81 -0.94 16.23
N LYS A 114 14.89 -2.20 15.80
CA LYS A 114 16.15 -2.78 15.31
CA LYS A 114 16.15 -2.75 15.33
C LYS A 114 16.47 -2.17 13.95
N VAL A 115 17.74 -2.22 13.57
CA VAL A 115 18.19 -1.56 12.35
C VAL A 115 18.64 -2.56 11.29
N GLY A 116 18.00 -2.53 10.13
CA GLY A 116 18.46 -3.31 9.00
C GLY A 116 19.01 -2.36 7.94
N LEU A 117 20.00 -2.83 7.18
CA LEU A 117 20.59 -2.00 6.15
C LEU A 117 20.74 -2.87 4.91
N ALA A 118 20.08 -2.46 3.84
CA ALA A 118 19.99 -3.27 2.63
C ALA A 118 20.81 -2.67 1.50
N ILE A 119 21.36 -3.53 0.64
CA ILE A 119 21.96 -3.06 -0.59
C ILE A 119 21.41 -3.78 -1.82
N LYS A 120 21.11 -3.00 -2.86
CA LYS A 120 20.67 -3.53 -4.14
C LYS A 120 21.81 -4.26 -4.85
N PRO A 121 21.47 -5.09 -5.85
CA PRO A 121 22.53 -5.87 -6.51
C PRO A 121 23.68 -5.04 -7.07
N GLY A 122 23.37 -3.86 -7.60
CA GLY A 122 24.39 -3.04 -8.23
C GLY A 122 25.26 -2.26 -7.25
N THR A 123 24.97 -2.39 -5.95
CA THR A 123 25.72 -1.64 -4.94
C THR A 123 26.81 -2.50 -4.30
N SER A 124 28.06 -2.06 -4.41
CA SER A 124 29.17 -2.81 -3.87
C SER A 124 28.99 -3.07 -2.38
N VAL A 125 29.32 -4.28 -1.95
CA VAL A 125 29.30 -4.61 -0.54
C VAL A 125 30.26 -3.71 0.25
N GLU A 126 31.24 -3.13 -0.43
CA GLU A 126 32.18 -2.20 0.21
C GLU A 126 31.50 -0.97 0.78
N TYR A 127 30.33 -0.63 0.26
CA TYR A 127 29.61 0.52 0.77
C TYR A 127 28.94 0.19 2.09
N LEU A 128 28.63 -1.10 2.29
CA LEU A 128 27.91 -1.51 3.48
C LEU A 128 28.86 -1.74 4.66
N ALA A 129 30.05 -2.26 4.37
CA ALA A 129 31.00 -2.64 5.42
C ALA A 129 31.31 -1.57 6.47
N PRO A 130 31.46 -0.29 6.06
CA PRO A 130 31.77 0.76 7.03
C PRO A 130 30.71 0.95 8.12
N TRP A 131 29.48 0.52 7.82
CA TRP A 131 28.33 0.69 8.72
C TRP A 131 27.98 -0.60 9.46
N ALA A 132 28.65 -1.70 9.16
CA ALA A 132 28.22 -3.00 9.66
C ALA A 132 28.16 -3.11 11.19
N ASN A 133 29.04 -2.40 11.88
CA ASN A 133 29.05 -2.48 13.34
C ASN A 133 28.05 -1.56 14.02
N GLN A 134 27.20 -0.91 13.22
CA GLN A 134 26.16 -0.04 13.77
C GLN A 134 24.78 -0.63 13.54
N ILE A 135 24.71 -1.73 12.80
CA ILE A 135 23.41 -2.28 12.42
C ILE A 135 23.12 -3.62 13.09
N ASP A 136 21.85 -4.01 13.06
CA ASP A 136 21.46 -5.30 13.59
C ASP A 136 21.47 -6.38 12.53
N MET A 137 21.28 -5.99 11.28
CA MET A 137 21.14 -6.95 10.21
C MET A 137 21.50 -6.29 8.90
N ALA A 138 22.28 -7.01 8.08
CA ALA A 138 22.55 -6.58 6.72
C ALA A 138 21.65 -7.38 5.78
N LEU A 139 21.11 -6.72 4.77
CA LEU A 139 20.29 -7.41 3.78
C LEU A 139 20.98 -7.30 2.43
N VAL A 140 21.40 -8.44 1.91
CA VAL A 140 21.97 -8.48 0.58
C VAL A 140 20.86 -8.91 -0.37
N MET A 141 20.43 -8.00 -1.23
CA MET A 141 19.40 -8.32 -2.20
CA MET A 141 19.38 -8.37 -2.16
C MET A 141 19.95 -9.28 -3.24
N THR A 142 19.14 -10.27 -3.62
CA THR A 142 19.57 -11.25 -4.62
C THR A 142 18.69 -11.19 -5.88
N VAL A 143 17.81 -10.19 -5.92
CA VAL A 143 17.20 -9.73 -7.15
C VAL A 143 17.13 -8.20 -7.08
N GLU A 144 16.82 -7.56 -8.21
CA GLU A 144 16.63 -6.11 -8.17
C GLU A 144 15.23 -5.82 -7.63
N PRO A 145 15.15 -5.04 -6.54
CA PRO A 145 13.83 -4.85 -5.92
C PRO A 145 12.84 -4.11 -6.79
N GLY A 146 11.59 -4.54 -6.77
CA GLY A 146 10.51 -3.81 -7.43
C GLY A 146 10.26 -4.20 -8.87
N PHE A 147 11.06 -5.14 -9.37
CA PHE A 147 10.96 -5.57 -10.77
C PHE A 147 10.51 -7.02 -10.90
N GLY A 148 11.15 -7.92 -10.16
CA GLY A 148 11.00 -9.33 -10.44
C GLY A 148 10.53 -10.23 -9.32
N GLY A 149 9.99 -11.38 -9.72
CA GLY A 149 9.87 -11.72 -11.12
C GLY A 149 11.21 -11.90 -11.82
N GLN A 150 12.23 -12.22 -11.04
CA GLN A 150 13.59 -12.39 -11.56
C GLN A 150 14.21 -13.67 -11.03
N LYS A 151 15.28 -14.10 -11.65
CA LYS A 151 16.01 -15.24 -11.15
CA LYS A 151 16.01 -15.25 -11.16
C LYS A 151 16.99 -14.81 -10.08
N PHE A 152 17.15 -15.65 -9.07
CA PHE A 152 18.15 -15.45 -8.02
C PHE A 152 19.50 -15.16 -8.65
N MET A 153 20.18 -14.12 -8.16
CA MET A 153 21.47 -13.72 -8.70
C MET A 153 22.61 -14.38 -7.93
N GLU A 154 23.19 -15.43 -8.49
CA GLU A 154 24.25 -16.16 -7.78
C GLU A 154 25.50 -15.30 -7.54
N ASP A 155 25.69 -14.26 -8.35
CA ASP A 155 26.87 -13.41 -8.17
C ASP A 155 26.72 -12.43 -7.01
N MET A 156 25.63 -12.55 -6.25
CA MET A 156 25.52 -11.80 -4.99
C MET A 156 26.14 -12.57 -3.84
N MET A 157 26.43 -13.85 -4.08
CA MET A 157 26.94 -14.68 -2.99
C MET A 157 28.32 -14.20 -2.49
N PRO A 158 29.17 -13.68 -3.39
CA PRO A 158 30.43 -13.15 -2.85
C PRO A 158 30.22 -12.02 -1.84
N LYS A 159 29.15 -11.25 -1.99
CA LYS A 159 28.86 -10.19 -1.02
C LYS A 159 28.55 -10.80 0.33
N VAL A 160 27.69 -11.81 0.32
CA VAL A 160 27.34 -12.51 1.57
C VAL A 160 28.58 -13.12 2.21
N HIS A 161 29.40 -13.77 1.39
CA HIS A 161 30.61 -14.41 1.89
C HIS A 161 31.58 -13.40 2.49
N TRP A 162 31.74 -12.26 1.84
N TRP A 162 31.76 -12.26 1.82
CA TRP A 162 32.66 -11.24 2.31
CA TRP A 162 32.66 -11.23 2.33
C TRP A 162 32.19 -10.64 3.64
C TRP A 162 32.18 -10.73 3.68
N LEU A 163 30.90 -10.38 3.76
CA LEU A 163 30.34 -9.89 5.01
C LEU A 163 30.48 -10.92 6.12
N ARG A 164 30.21 -12.18 5.81
CA ARG A 164 30.30 -13.23 6.83
C ARG A 164 31.75 -13.37 7.31
N THR A 165 32.69 -13.27 6.37
CA THR A 165 34.12 -13.35 6.67
C THR A 165 34.60 -12.21 7.56
N GLN A 166 34.20 -10.99 7.21
CA GLN A 166 34.66 -9.80 7.90
C GLN A 166 33.93 -9.58 9.23
N PHE A 167 32.67 -10.01 9.27
CA PHE A 167 31.82 -9.78 10.44
C PHE A 167 31.14 -11.08 10.87
N PRO A 168 31.89 -11.96 11.52
CA PRO A 168 31.36 -13.29 11.84
C PRO A 168 30.10 -13.25 12.69
N SER A 169 29.92 -12.21 13.50
CA SER A 169 28.74 -12.12 14.37
C SER A 169 27.53 -11.41 13.77
N LEU A 170 27.67 -10.89 12.55
CA LEU A 170 26.60 -10.10 11.94
C LEU A 170 25.49 -10.97 11.37
N ASP A 171 24.24 -10.62 11.65
CA ASP A 171 23.12 -11.30 11.00
C ASP A 171 23.02 -10.82 9.57
N ILE A 172 23.02 -11.76 8.63
CA ILE A 172 22.97 -11.45 7.21
C ILE A 172 21.76 -12.10 6.58
N GLU A 173 20.92 -11.26 5.96
CA GLU A 173 19.69 -11.69 5.32
C GLU A 173 19.86 -11.67 3.81
N VAL A 174 19.20 -12.59 3.13
CA VAL A 174 19.12 -12.56 1.67
C VAL A 174 17.67 -12.51 1.30
N ASP A 175 17.38 -11.87 0.17
CA ASP A 175 16.00 -11.64 -0.25
C ASP A 175 15.99 -11.49 -1.76
N GLY A 176 15.26 -12.38 -2.44
CA GLY A 176 15.11 -12.32 -3.89
C GLY A 176 15.29 -13.68 -4.55
N GLY A 177 14.19 -14.34 -4.89
CA GLY A 177 14.25 -15.63 -5.54
C GLY A 177 14.88 -16.75 -4.73
N VAL A 178 14.82 -16.61 -3.40
CA VAL A 178 15.36 -17.64 -2.53
C VAL A 178 14.30 -18.68 -2.27
N GLY A 179 14.67 -19.93 -2.48
CA GLY A 179 13.78 -21.06 -2.27
C GLY A 179 14.58 -22.32 -2.05
N PRO A 180 13.90 -23.48 -2.05
CA PRO A 180 14.61 -24.73 -1.79
C PRO A 180 15.80 -24.96 -2.73
N ASP A 181 15.74 -24.34 -3.91
CA ASP A 181 16.71 -24.56 -4.98
CA ASP A 181 16.73 -24.60 -4.95
C ASP A 181 17.97 -23.72 -4.83
N THR A 182 17.85 -22.60 -4.14
CA THR A 182 18.91 -21.61 -4.03
C THR A 182 19.36 -21.37 -2.59
N VAL A 183 18.60 -21.90 -1.63
CA VAL A 183 18.94 -21.66 -0.23
C VAL A 183 20.32 -22.24 0.10
N HIS A 184 20.70 -23.33 -0.55
CA HIS A 184 22.02 -23.92 -0.33
CA HIS A 184 22.02 -23.91 -0.29
C HIS A 184 23.14 -22.94 -0.65
N LYS A 185 22.97 -22.18 -1.74
CA LYS A 185 23.94 -21.17 -2.11
C LYS A 185 24.06 -20.07 -1.05
N CYS A 186 22.92 -19.59 -0.57
CA CYS A 186 22.89 -18.54 0.46
C CYS A 186 23.53 -19.02 1.75
N ALA A 187 23.17 -20.23 2.17
CA ALA A 187 23.64 -20.74 3.45
C ALA A 187 25.14 -21.00 3.41
N GLU A 188 25.61 -21.61 2.32
CA GLU A 188 27.04 -21.86 2.18
C GLU A 188 27.85 -20.58 2.09
N ALA A 189 27.25 -19.53 1.52
CA ALA A 189 27.91 -18.23 1.45
C ALA A 189 27.95 -17.53 2.80
N GLY A 190 27.08 -17.91 3.72
CA GLY A 190 27.12 -17.30 5.04
C GLY A 190 25.84 -16.67 5.56
N ALA A 191 24.75 -16.69 4.78
CA ALA A 191 23.51 -16.06 5.22
C ALA A 191 22.87 -16.88 6.33
N ASN A 192 22.29 -16.19 7.31
CA ASN A 192 21.57 -16.89 8.37
C ASN A 192 20.13 -16.46 8.51
N MET A 193 19.72 -15.45 7.74
CA MET A 193 18.34 -15.03 7.72
C MET A 193 17.84 -15.12 6.28
N ILE A 194 16.78 -15.89 6.07
CA ILE A 194 16.34 -16.19 4.72
C ILE A 194 14.94 -15.68 4.51
N VAL A 195 14.79 -14.77 3.53
CA VAL A 195 13.46 -14.34 3.10
C VAL A 195 13.07 -15.14 1.87
N SER A 196 11.87 -15.69 1.89
CA SER A 196 11.38 -16.49 0.77
C SER A 196 9.91 -16.15 0.57
N GLY A 197 9.52 -15.92 -0.68
CA GLY A 197 8.14 -15.53 -0.99
C GLY A 197 7.33 -16.66 -1.59
N SER A 198 7.25 -16.69 -2.92
CA SER A 198 6.45 -17.68 -3.62
CA SER A 198 6.45 -17.68 -3.62
C SER A 198 6.72 -19.12 -3.18
N ALA A 199 8.00 -19.46 -3.01
CA ALA A 199 8.35 -20.83 -2.64
C ALA A 199 7.60 -21.30 -1.40
N ILE A 200 7.41 -20.39 -0.44
CA ILE A 200 6.67 -20.71 0.76
C ILE A 200 5.17 -20.47 0.57
N MET A 201 4.82 -19.26 0.14
CA MET A 201 3.42 -18.81 0.10
C MET A 201 2.54 -19.62 -0.85
N ARG A 202 3.13 -20.17 -1.91
CA ARG A 202 2.39 -20.93 -2.91
CA ARG A 202 2.36 -20.93 -2.87
C ARG A 202 2.41 -22.43 -2.61
N SER A 203 3.09 -22.81 -1.54
CA SER A 203 3.22 -24.22 -1.19
C SER A 203 1.95 -24.77 -0.53
N GLU A 204 1.68 -26.04 -0.75
CA GLU A 204 0.57 -26.72 -0.08
CA GLU A 204 0.55 -26.67 -0.05
C GLU A 204 1.03 -27.16 1.31
N ASP A 205 2.34 -27.10 1.54
CA ASP A 205 2.92 -27.54 2.80
C ASP A 205 4.01 -26.56 3.20
N PRO A 206 3.61 -25.35 3.63
CA PRO A 206 4.63 -24.34 3.94
C PRO A 206 5.50 -24.73 5.13
N ARG A 207 4.96 -25.46 6.09
N ARG A 207 4.93 -25.46 6.09
CA ARG A 207 5.78 -25.89 7.22
CA ARG A 207 5.72 -25.94 7.22
C ARG A 207 6.96 -26.73 6.73
C ARG A 207 6.94 -26.72 6.73
N SER A 208 6.70 -27.59 5.76
CA SER A 208 7.76 -28.43 5.19
C SER A 208 8.82 -27.58 4.46
N VAL A 209 8.37 -26.56 3.73
CA VAL A 209 9.30 -25.70 3.01
C VAL A 209 10.16 -24.90 4.00
N ILE A 210 9.50 -24.34 5.01
CA ILE A 210 10.19 -23.56 6.03
C ILE A 210 11.23 -24.41 6.78
N ASN A 211 10.84 -25.62 7.16
CA ASN A 211 11.79 -26.52 7.82
C ASN A 211 13.00 -26.82 6.93
N LEU A 212 12.74 -27.12 5.66
CA LEU A 212 13.83 -27.36 4.70
C LEU A 212 14.80 -26.18 4.65
N LEU A 213 14.25 -24.98 4.46
CA LEU A 213 15.09 -23.77 4.36
C LEU A 213 15.94 -23.59 5.60
N ARG A 214 15.33 -23.71 6.77
CA ARG A 214 16.04 -23.51 8.02
C ARG A 214 17.09 -24.59 8.25
N ASN A 215 16.78 -25.83 7.87
CA ASN A 215 17.70 -26.95 8.05
C ASN A 215 18.95 -26.80 7.21
N VAL A 216 18.78 -26.34 5.97
CA VAL A 216 19.92 -26.08 5.10
C VAL A 216 20.81 -25.00 5.70
N CYS A 217 20.21 -23.92 6.19
N CYS A 217 20.18 -23.94 6.20
CA CYS A 217 20.98 -22.85 6.82
CA CYS A 217 20.89 -22.83 6.81
C CYS A 217 21.69 -23.33 8.07
C CYS A 217 21.61 -23.22 8.11
N SER A 218 20.94 -24.04 8.92
CA SER A 218 21.52 -24.52 10.18
C SER A 218 22.71 -25.43 9.92
N GLU A 219 22.57 -26.33 8.95
CA GLU A 219 23.64 -27.28 8.63
CA GLU A 219 23.65 -27.28 8.69
C GLU A 219 24.90 -26.55 8.21
N ALA A 220 24.72 -25.48 7.44
CA ALA A 220 25.84 -24.71 6.93
C ALA A 220 26.51 -23.92 8.05
N ALA A 221 25.68 -23.40 8.98
CA ALA A 221 26.18 -22.64 10.12
C ALA A 221 27.02 -23.52 11.05
N GLN A 222 26.55 -24.73 11.28
CA GLN A 222 27.26 -25.66 12.15
C GLN A 222 28.62 -26.01 11.55
N LYS A 223 28.75 -25.88 10.23
CA LYS A 223 30.01 -26.19 9.56
C LYS A 223 31.01 -25.05 9.67
N ARG A 224 30.50 -23.82 9.81
CA ARG A 224 31.37 -22.65 9.97
C ARG A 224 32.05 -22.64 11.34
N GLY B 4 -29.72 9.31 -9.18
CA GLY B 4 -28.34 9.05 -9.55
C GLY B 4 -27.34 9.31 -8.43
N CYS B 5 -27.79 9.20 -7.18
N CYS B 5 -27.81 9.25 -7.19
CA CYS B 5 -26.89 9.45 -6.04
CA CYS B 5 -26.94 9.42 -6.04
C CYS B 5 -26.32 8.15 -5.48
C CYS B 5 -26.27 8.09 -5.69
N LYS B 6 -25.00 8.15 -5.29
CA LYS B 6 -24.30 6.93 -4.96
C LYS B 6 -23.34 7.13 -3.81
N ILE B 7 -23.25 6.11 -2.97
CA ILE B 7 -22.38 6.15 -1.79
C ILE B 7 -21.25 5.18 -1.95
N GLY B 8 -20.02 5.69 -1.76
CA GLY B 8 -18.81 4.91 -1.93
C GLY B 8 -17.95 4.99 -0.69
N PRO B 9 -18.00 3.96 0.18
CA PRO B 9 -17.20 4.03 1.39
C PRO B 9 -15.70 4.07 1.08
N SER B 10 -14.95 4.87 1.84
CA SER B 10 -13.50 4.82 1.78
C SER B 10 -13.11 3.88 2.90
N ILE B 11 -12.00 3.20 2.72
CA ILE B 11 -11.72 2.06 3.59
C ILE B 11 -10.42 2.15 4.41
N LEU B 12 -9.85 3.35 4.55
CA LEU B 12 -8.56 3.49 5.24
C LEU B 12 -8.67 3.34 6.74
N ASN B 13 -9.87 3.53 7.27
CA ASN B 13 -10.09 3.34 8.70
C ASN B 13 -10.56 1.93 8.98
N SER B 14 -10.56 1.10 7.95
CA SER B 14 -10.97 -0.29 8.11
C SER B 14 -9.80 -1.14 8.58
N ASP B 15 -10.08 -2.41 8.87
CA ASP B 15 -9.02 -3.37 9.16
C ASP B 15 -8.33 -3.72 7.85
N LEU B 16 -7.18 -3.07 7.59
CA LEU B 16 -6.48 -3.26 6.33
C LEU B 16 -5.80 -4.63 6.22
N ALA B 17 -5.81 -5.39 7.31
CA ALA B 17 -5.29 -6.75 7.30
C ALA B 17 -6.40 -7.70 6.83
N ASN B 18 -7.60 -7.17 6.66
CA ASN B 18 -8.76 -7.95 6.26
C ASN B 18 -9.59 -7.14 5.28
N LEU B 19 -8.92 -6.57 4.30
CA LEU B 19 -9.58 -5.67 3.36
CA LEU B 19 -9.59 -5.68 3.38
C LEU B 19 -10.70 -6.38 2.61
N GLY B 20 -10.48 -7.65 2.27
CA GLY B 20 -11.50 -8.43 1.59
C GLY B 20 -12.79 -8.49 2.39
N ALA B 21 -12.68 -8.85 3.66
CA ALA B 21 -13.85 -8.96 4.52
C ALA B 21 -14.53 -7.62 4.74
N GLU B 22 -13.72 -6.56 4.85
CA GLU B 22 -14.28 -5.25 5.13
C GLU B 22 -15.07 -4.78 3.93
N CYS B 23 -14.53 -5.06 2.74
CA CYS B 23 -15.22 -4.66 1.51
C CYS B 23 -16.46 -5.51 1.25
N LEU B 24 -16.39 -6.81 1.52
CA LEU B 24 -17.59 -7.63 1.42
C LEU B 24 -18.69 -7.08 2.31
N ARG B 25 -18.33 -6.68 3.54
CA ARG B 25 -19.30 -6.13 4.48
C ARG B 25 -19.94 -4.85 3.93
N MET B 26 -19.13 -4.00 3.31
CA MET B 26 -19.64 -2.77 2.72
C MET B 26 -20.61 -3.08 1.60
N LEU B 27 -20.24 -4.02 0.73
CA LEU B 27 -21.10 -4.36 -0.39
C LEU B 27 -22.39 -5.00 0.11
N ASP B 28 -22.28 -5.84 1.13
CA ASP B 28 -23.46 -6.48 1.69
C ASP B 28 -24.37 -5.46 2.36
N SER B 29 -23.81 -4.30 2.71
CA SER B 29 -24.57 -3.23 3.34
C SER B 29 -25.16 -2.27 2.32
N GLY B 30 -24.95 -2.54 1.04
CA GLY B 30 -25.55 -1.76 -0.01
C GLY B 30 -24.71 -0.62 -0.54
N ALA B 31 -23.40 -0.63 -0.25
CA ALA B 31 -22.52 0.36 -0.84
C ALA B 31 -22.67 0.32 -2.35
N ASP B 32 -22.74 1.50 -2.97
CA ASP B 32 -22.86 1.57 -4.42
C ASP B 32 -21.55 1.31 -5.16
N TYR B 33 -20.44 1.67 -4.51
CA TYR B 33 -19.12 1.39 -5.06
C TYR B 33 -18.12 1.48 -3.94
N LEU B 34 -16.84 1.20 -4.22
CA LEU B 34 -15.81 1.31 -3.20
C LEU B 34 -14.80 2.33 -3.65
N HIS B 35 -14.41 3.22 -2.74
CA HIS B 35 -13.47 4.29 -3.04
C HIS B 35 -12.16 3.91 -2.40
N LEU B 36 -11.15 3.65 -3.23
CA LEU B 36 -9.90 3.08 -2.77
C LEU B 36 -8.77 4.10 -2.87
N ASP B 37 -8.25 4.51 -1.72
CA ASP B 37 -7.28 5.59 -1.64
C ASP B 37 -5.85 5.09 -1.79
N VAL B 38 -5.22 5.45 -2.90
CA VAL B 38 -3.87 5.02 -3.21
C VAL B 38 -2.94 6.21 -2.99
N MET B 39 -2.01 6.09 -2.06
CA MET B 39 -1.10 7.18 -1.70
C MET B 39 0.35 6.70 -1.82
N ASP B 40 1.20 7.47 -2.50
CA ASP B 40 2.58 7.02 -2.73
C ASP B 40 3.62 7.65 -1.82
N GLY B 41 3.19 8.42 -0.82
CA GLY B 41 4.11 8.99 0.14
C GLY B 41 4.87 10.20 -0.39
N HIS B 42 4.58 10.57 -1.63
CA HIS B 42 5.23 11.71 -2.29
C HIS B 42 4.23 12.81 -2.63
N PHE B 43 3.17 12.45 -3.37
CA PHE B 43 2.15 13.43 -3.69
C PHE B 43 1.44 13.87 -2.40
N VAL B 44 1.31 12.93 -1.47
CA VAL B 44 0.77 13.19 -0.14
C VAL B 44 1.67 12.47 0.85
N PRO B 45 1.70 12.96 2.10
CA PRO B 45 2.65 12.46 3.11
C PRO B 45 2.16 11.20 3.82
N ASN B 46 1.67 10.24 3.04
CA ASN B 46 1.23 8.96 3.59
C ASN B 46 1.36 7.91 2.49
N ILE B 47 1.49 6.65 2.90
CA ILE B 47 1.54 5.54 1.96
C ILE B 47 0.46 4.57 2.38
N THR B 48 -0.43 4.21 1.46
CA THR B 48 -1.53 3.32 1.81
C THR B 48 -1.31 1.96 1.16
N PHE B 49 -1.73 1.82 -0.08
CA PHE B 49 -1.50 0.59 -0.82
C PHE B 49 -1.62 0.86 -2.31
N GLY B 50 -1.12 -0.06 -3.10
CA GLY B 50 -1.10 0.09 -4.54
C GLY B 50 -1.79 -1.05 -5.29
N HIS B 51 -1.50 -1.15 -6.59
CA HIS B 51 -2.19 -2.12 -7.43
C HIS B 51 -2.12 -3.58 -7.00
N PRO B 52 -1.03 -4.00 -6.32
CA PRO B 52 -1.02 -5.41 -5.90
C PRO B 52 -2.17 -5.72 -4.95
N VAL B 53 -2.49 -4.78 -4.07
CA VAL B 53 -3.61 -4.97 -3.15
C VAL B 53 -4.93 -4.95 -3.93
N VAL B 54 -5.03 -4.01 -4.86
CA VAL B 54 -6.23 -3.92 -5.71
C VAL B 54 -6.48 -5.22 -6.47
N GLU B 55 -5.42 -5.82 -7.00
N GLU B 55 -5.41 -5.80 -7.02
CA GLU B 55 -5.58 -7.06 -7.76
CA GLU B 55 -5.50 -7.08 -7.73
C GLU B 55 -6.12 -8.20 -6.90
C GLU B 55 -6.20 -8.10 -6.85
N SER B 56 -5.66 -8.29 -5.66
CA SER B 56 -6.17 -9.32 -4.75
C SER B 56 -7.60 -9.00 -4.34
N LEU B 57 -7.91 -7.72 -4.18
CA LEU B 57 -9.25 -7.33 -3.77
C LEU B 57 -10.25 -7.65 -4.88
N ARG B 58 -9.87 -7.36 -6.12
CA ARG B 58 -10.73 -7.70 -7.26
C ARG B 58 -10.99 -9.21 -7.32
N LYS B 59 -9.94 -10.00 -7.09
CA LYS B 59 -10.10 -11.46 -7.10
C LYS B 59 -11.09 -11.92 -6.03
N GLN B 60 -10.98 -11.34 -4.84
CA GLN B 60 -11.86 -11.70 -3.73
C GLN B 60 -13.31 -11.27 -3.96
N LEU B 61 -13.50 -10.08 -4.52
CA LEU B 61 -14.85 -9.51 -4.59
C LEU B 61 -15.62 -9.87 -5.86
N GLY B 62 -14.91 -10.39 -6.87
CA GLY B 62 -15.55 -10.74 -8.11
C GLY B 62 -15.63 -9.56 -9.07
N GLN B 63 -16.25 -9.79 -10.22
CA GLN B 63 -16.23 -8.80 -11.31
C GLN B 63 -17.20 -7.63 -11.13
N ASP B 64 -18.20 -7.78 -10.26
CA ASP B 64 -19.29 -6.80 -10.24
C ASP B 64 -19.03 -5.47 -9.51
N PRO B 65 -18.35 -5.50 -8.35
CA PRO B 65 -18.25 -4.22 -7.64
C PRO B 65 -17.41 -3.18 -8.38
N PHE B 66 -17.80 -1.93 -8.23
CA PHE B 66 -17.12 -0.81 -8.89
C PHE B 66 -16.05 -0.23 -7.97
N PHE B 67 -14.82 -0.15 -8.47
CA PHE B 67 -13.70 0.45 -7.73
C PHE B 67 -13.42 1.84 -8.30
N ASP B 68 -13.50 2.86 -7.45
CA ASP B 68 -13.08 4.21 -7.81
C ASP B 68 -11.69 4.36 -7.19
N MET B 69 -10.66 4.42 -8.04
CA MET B 69 -9.28 4.50 -7.54
C MET B 69 -8.90 5.96 -7.38
N HIS B 70 -8.74 6.39 -6.13
CA HIS B 70 -8.32 7.76 -5.87
C HIS B 70 -6.80 7.78 -5.85
N MET B 71 -6.22 8.21 -6.98
CA MET B 71 -4.78 8.09 -7.18
C MET B 71 -4.05 9.33 -6.69
N MET B 72 -3.69 9.32 -5.40
CA MET B 72 -2.95 10.42 -4.82
C MET B 72 -1.48 10.07 -4.95
N VAL B 73 -1.02 10.15 -6.20
CA VAL B 73 0.32 9.71 -6.56
C VAL B 73 0.96 10.76 -7.45
N SER B 74 2.30 10.86 -7.37
CA SER B 74 3.05 11.90 -8.10
C SER B 74 3.07 11.68 -9.61
N LYS B 75 3.05 10.43 -10.03
CA LYS B 75 3.16 10.09 -11.44
CA LYS B 75 3.16 10.08 -11.44
C LYS B 75 2.00 9.19 -11.86
N PRO B 76 0.82 9.78 -12.03
CA PRO B 76 -0.35 8.95 -12.33
C PRO B 76 -0.22 8.20 -13.65
N GLU B 77 0.58 8.70 -14.57
CA GLU B 77 0.82 7.99 -15.82
C GLU B 77 1.37 6.58 -15.57
N GLN B 78 2.15 6.44 -14.51
CA GLN B 78 2.86 5.19 -14.25
C GLN B 78 1.97 4.01 -13.85
N TRP B 79 0.82 4.30 -13.24
CA TRP B 79 0.01 3.25 -12.64
C TRP B 79 -1.27 2.93 -13.38
N VAL B 80 -1.44 3.54 -14.56
CA VAL B 80 -2.63 3.31 -15.36
C VAL B 80 -2.77 1.84 -15.78
N LYS B 81 -1.73 1.29 -16.42
CA LYS B 81 -1.79 -0.09 -16.86
CA LYS B 81 -1.77 -0.09 -16.86
C LYS B 81 -1.86 -1.08 -15.68
N PRO B 82 -1.02 -0.90 -14.65
CA PRO B 82 -1.13 -1.76 -13.48
C PRO B 82 -2.53 -1.79 -12.87
N MET B 83 -3.17 -0.64 -12.75
CA MET B 83 -4.53 -0.59 -12.19
C MET B 83 -5.56 -1.24 -13.13
N ALA B 84 -5.36 -1.08 -14.43
CA ALA B 84 -6.30 -1.67 -15.38
C ALA B 84 -6.20 -3.20 -15.29
N VAL B 85 -4.97 -3.69 -15.30
CA VAL B 85 -4.72 -5.12 -15.16
C VAL B 85 -5.27 -5.65 -13.84
N ALA B 86 -5.22 -4.82 -12.80
CA ALA B 86 -5.68 -5.20 -11.47
C ALA B 86 -7.20 -5.28 -11.40
N GLY B 87 -7.87 -4.60 -12.31
CA GLY B 87 -9.31 -4.70 -12.39
C GLY B 87 -10.03 -3.49 -11.85
N ALA B 88 -9.36 -2.33 -11.84
CA ALA B 88 -10.02 -1.10 -11.40
C ALA B 88 -11.02 -0.61 -12.44
N ASN B 89 -12.15 -0.06 -12.00
CA ASN B 89 -13.14 0.45 -12.95
C ASN B 89 -12.86 1.87 -13.39
N GLN B 90 -12.42 2.69 -12.43
CA GLN B 90 -12.26 4.11 -12.66
C GLN B 90 -10.96 4.58 -12.04
N TYR B 91 -10.22 5.37 -12.80
CA TYR B 91 -8.91 5.85 -12.40
C TYR B 91 -9.04 7.36 -12.21
N THR B 92 -9.03 7.78 -10.95
CA THR B 92 -9.26 9.18 -10.63
C THR B 92 -7.94 9.79 -10.24
N PHE B 93 -7.38 10.60 -11.13
CA PHE B 93 -6.06 11.16 -10.86
C PHE B 93 -6.19 12.63 -10.51
N HIS B 94 -5.14 13.16 -9.91
CA HIS B 94 -5.14 14.56 -9.52
C HIS B 94 -4.63 15.46 -10.62
N LEU B 95 -5.37 16.53 -10.87
CA LEU B 95 -5.00 17.49 -11.89
C LEU B 95 -3.63 18.09 -11.57
N GLU B 96 -3.33 18.22 -10.28
CA GLU B 96 -2.08 18.84 -9.84
C GLU B 96 -0.86 17.99 -10.18
N ALA B 97 -1.11 16.70 -10.45
CA ALA B 97 -0.02 15.71 -10.51
C ALA B 97 0.48 15.45 -11.92
N THR B 98 -0.14 16.06 -12.91
CA THR B 98 0.36 15.88 -14.28
C THR B 98 0.36 17.18 -15.07
N GLU B 99 1.35 17.31 -15.95
CA GLU B 99 1.38 18.45 -16.85
C GLU B 99 0.68 18.14 -18.18
N ASN B 100 0.22 16.90 -18.34
CA ASN B 100 -0.44 16.50 -19.59
C ASN B 100 -1.69 15.68 -19.32
N PRO B 101 -2.71 16.32 -18.75
CA PRO B 101 -3.95 15.61 -18.41
C PRO B 101 -4.63 15.01 -19.64
N GLY B 102 -4.54 15.69 -20.77
CA GLY B 102 -5.19 15.20 -21.98
C GLY B 102 -4.68 13.84 -22.40
N ALA B 103 -3.37 13.66 -22.40
CA ALA B 103 -2.76 12.40 -22.80
C ALA B 103 -3.10 11.32 -21.80
N LEU B 104 -3.16 11.69 -20.52
CA LEU B 104 -3.42 10.72 -19.47
C LEU B 104 -4.86 10.25 -19.56
N ILE B 105 -5.79 11.18 -19.77
CA ILE B 105 -7.18 10.82 -19.94
C ILE B 105 -7.31 9.81 -21.08
N LYS B 106 -6.64 10.08 -22.19
N LYS B 106 -6.64 10.10 -22.19
CA LYS B 106 -6.69 9.17 -23.33
CA LYS B 106 -6.63 9.20 -23.34
C LYS B 106 -6.14 7.79 -22.96
C LYS B 106 -6.15 7.81 -22.94
N ASP B 107 -5.04 7.77 -22.22
CA ASP B 107 -4.41 6.50 -21.82
CA ASP B 107 -4.42 6.50 -21.83
C ASP B 107 -5.32 5.71 -20.90
N ILE B 108 -6.03 6.40 -20.03
CA ILE B 108 -6.95 5.73 -19.12
C ILE B 108 -8.07 5.04 -19.92
N ARG B 109 -8.64 5.76 -20.88
CA ARG B 109 -9.72 5.18 -21.68
C ARG B 109 -9.23 4.04 -22.56
N GLU B 110 -8.03 4.19 -23.11
CA GLU B 110 -7.48 3.15 -23.97
CA GLU B 110 -7.44 3.15 -23.97
C GLU B 110 -7.25 1.87 -23.18
N ASN B 111 -7.12 1.99 -21.88
CA ASN B 111 -6.96 0.83 -21.02
C ASN B 111 -8.27 0.37 -20.41
N GLY B 112 -9.37 0.89 -20.95
CA GLY B 112 -10.70 0.40 -20.62
C GLY B 112 -11.28 0.90 -19.31
N MET B 113 -10.68 1.93 -18.74
CA MET B 113 -11.18 2.45 -17.47
C MET B 113 -11.93 3.76 -17.62
N LYS B 114 -12.81 4.04 -16.66
CA LYS B 114 -13.46 5.34 -16.59
C LYS B 114 -12.47 6.34 -16.03
N VAL B 115 -12.73 7.62 -16.26
CA VAL B 115 -11.78 8.68 -15.92
C VAL B 115 -12.32 9.59 -14.84
N GLY B 116 -11.62 9.69 -13.71
CA GLY B 116 -11.97 10.65 -12.68
C GLY B 116 -10.88 11.72 -12.63
N LEU B 117 -11.26 12.94 -12.25
CA LEU B 117 -10.29 14.04 -12.19
C LEU B 117 -10.52 14.76 -10.89
N ALA B 118 -9.49 14.80 -10.04
CA ALA B 118 -9.60 15.31 -8.70
C ALA B 118 -8.86 16.62 -8.52
N ILE B 119 -9.40 17.49 -7.68
CA ILE B 119 -8.71 18.72 -7.30
C ILE B 119 -8.64 18.90 -5.79
N LYS B 120 -7.45 19.28 -5.32
CA LYS B 120 -7.26 19.58 -3.90
C LYS B 120 -7.89 20.91 -3.54
N PRO B 121 -8.03 21.19 -2.24
CA PRO B 121 -8.72 22.41 -1.79
C PRO B 121 -8.13 23.70 -2.38
N GLY B 122 -6.81 23.79 -2.50
CA GLY B 122 -6.21 25.01 -2.99
C GLY B 122 -6.29 25.22 -4.50
N THR B 123 -6.84 24.24 -5.22
CA THR B 123 -6.90 24.29 -6.67
C THR B 123 -8.25 24.80 -7.20
N SER B 124 -8.21 25.85 -8.00
CA SER B 124 -9.44 26.43 -8.54
C SER B 124 -10.23 25.42 -9.33
N VAL B 125 -11.54 25.44 -9.14
CA VAL B 125 -12.41 24.53 -9.86
C VAL B 125 -12.38 24.87 -11.35
N GLU B 126 -12.01 26.10 -11.69
CA GLU B 126 -11.88 26.48 -13.10
C GLU B 126 -10.93 25.58 -13.87
N TYR B 127 -9.92 25.04 -13.20
CA TYR B 127 -8.95 24.17 -13.88
C TYR B 127 -9.59 22.90 -14.44
N LEU B 128 -10.72 22.50 -13.87
CA LEU B 128 -11.44 21.32 -14.33
C LEU B 128 -12.20 21.54 -15.63
N ALA B 129 -12.60 22.78 -15.90
CA ALA B 129 -13.54 23.06 -16.98
C ALA B 129 -13.12 22.55 -18.35
N PRO B 130 -11.87 22.80 -18.75
CA PRO B 130 -11.42 22.36 -20.08
C PRO B 130 -11.52 20.86 -20.28
N TRP B 131 -11.54 20.12 -19.16
CA TRP B 131 -11.49 18.66 -19.20
C TRP B 131 -12.84 18.02 -18.90
N ALA B 132 -13.80 18.83 -18.46
CA ALA B 132 -15.05 18.27 -17.95
C ALA B 132 -15.79 17.44 -18.99
N ASN B 133 -15.63 17.78 -20.27
CA ASN B 133 -16.29 17.04 -21.33
C ASN B 133 -15.59 15.73 -21.69
N GLN B 134 -14.42 15.51 -21.10
CA GLN B 134 -13.64 14.32 -21.39
C GLN B 134 -13.60 13.33 -20.24
N ILE B 135 -14.16 13.70 -19.09
CA ILE B 135 -14.05 12.86 -17.90
C ILE B 135 -15.40 12.24 -17.55
N ASP B 136 -15.37 11.22 -16.69
CA ASP B 136 -16.58 10.54 -16.22
C ASP B 136 -17.03 11.09 -14.88
N MET B 137 -16.09 11.62 -14.11
CA MET B 137 -16.39 12.08 -12.77
C MET B 137 -15.39 13.13 -12.34
N ALA B 138 -15.87 14.18 -11.67
CA ALA B 138 -15.00 15.14 -11.01
C ALA B 138 -15.01 14.87 -9.52
N LEU B 139 -13.85 14.96 -8.90
CA LEU B 139 -13.75 14.78 -7.45
CA LEU B 139 -13.74 14.77 -7.46
C LEU B 139 -13.28 16.08 -6.82
N VAL B 140 -14.15 16.68 -6.01
CA VAL B 140 -13.81 17.88 -5.27
C VAL B 140 -13.41 17.47 -3.86
N MET B 141 -12.14 17.64 -3.52
CA MET B 141 -11.72 17.30 -2.18
CA MET B 141 -11.66 17.33 -2.19
C MET B 141 -12.20 18.33 -1.18
N THR B 142 -12.69 17.84 -0.05
CA THR B 142 -13.21 18.71 1.00
C THR B 142 -12.34 18.68 2.26
N VAL B 143 -11.20 18.01 2.16
CA VAL B 143 -10.08 18.19 3.10
C VAL B 143 -8.78 18.13 2.30
N GLU B 144 -7.68 18.53 2.91
CA GLU B 144 -6.38 18.35 2.26
C GLU B 144 -6.00 16.87 2.34
N PRO B 145 -5.76 16.22 1.20
CA PRO B 145 -5.49 14.78 1.25
C PRO B 145 -4.18 14.41 1.95
N GLY B 146 -4.19 13.31 2.67
CA GLY B 146 -2.98 12.74 3.22
C GLY B 146 -2.61 13.18 4.63
N PHE B 147 -3.46 13.99 5.25
CA PHE B 147 -3.19 14.51 6.58
C PHE B 147 -4.16 13.97 7.63
N GLY B 148 -4.81 12.85 7.33
CA GLY B 148 -5.65 12.18 8.31
C GLY B 148 -6.94 12.92 8.60
N GLY B 149 -7.41 12.80 9.84
CA GLY B 149 -8.68 13.36 10.25
C GLY B 149 -8.68 14.87 10.24
N GLN B 150 -9.40 15.46 9.29
CA GLN B 150 -9.48 16.91 9.17
C GLN B 150 -10.93 17.36 9.18
N LYS B 151 -11.13 18.64 9.46
N LYS B 151 -11.14 18.64 9.45
CA LYS B 151 -12.47 19.21 9.40
CA LYS B 151 -12.49 19.19 9.41
C LYS B 151 -12.93 19.37 7.95
C LYS B 151 -12.95 19.42 7.98
N PHE B 152 -14.16 18.97 7.68
CA PHE B 152 -14.79 19.21 6.39
C PHE B 152 -14.71 20.68 6.05
N MET B 153 -14.28 20.99 4.82
CA MET B 153 -14.13 22.37 4.39
C MET B 153 -15.37 22.87 3.66
N GLU B 154 -16.26 23.53 4.39
CA GLU B 154 -17.49 24.05 3.79
CA GLU B 154 -17.50 24.06 3.80
C GLU B 154 -17.22 25.05 2.68
N ASP B 155 -16.05 25.70 2.73
CA ASP B 155 -15.71 26.68 1.72
CA ASP B 155 -15.69 26.68 1.72
C ASP B 155 -15.38 26.03 0.36
N MET B 156 -15.44 24.71 0.30
CA MET B 156 -15.32 24.02 -0.98
C MET B 156 -16.67 23.87 -1.69
N MET B 157 -17.76 24.18 -0.99
CA MET B 157 -19.08 23.94 -1.57
C MET B 157 -19.34 24.79 -2.84
N PRO B 158 -18.82 26.03 -2.88
CA PRO B 158 -18.98 26.78 -4.13
C PRO B 158 -18.35 26.09 -5.33
N LYS B 159 -17.31 25.30 -5.12
CA LYS B 159 -16.72 24.55 -6.23
C LYS B 159 -17.73 23.54 -6.76
N VAL B 160 -18.34 22.80 -5.84
CA VAL B 160 -19.34 21.80 -6.22
C VAL B 160 -20.52 22.46 -6.95
N HIS B 161 -20.98 23.58 -6.40
CA HIS B 161 -22.15 24.24 -6.97
C HIS B 161 -21.82 24.77 -8.36
N TRP B 162 -20.63 25.33 -8.51
CA TRP B 162 -20.19 25.82 -9.82
C TRP B 162 -20.16 24.70 -10.86
N LEU B 163 -19.59 23.55 -10.48
CA LEU B 163 -19.50 22.41 -11.39
C LEU B 163 -20.88 21.90 -11.77
N ARG B 164 -21.78 21.82 -10.79
CA ARG B 164 -23.11 21.28 -11.05
C ARG B 164 -23.87 22.22 -11.97
N THR B 165 -23.63 23.51 -11.80
CA THR B 165 -24.30 24.53 -12.62
C THR B 165 -23.77 24.49 -14.07
N GLN B 166 -22.46 24.42 -14.22
CA GLN B 166 -21.81 24.41 -15.54
C GLN B 166 -22.02 23.08 -16.28
N PHE B 167 -22.04 21.99 -15.52
CA PHE B 167 -22.11 20.67 -16.14
C PHE B 167 -23.19 19.83 -15.46
N PRO B 168 -24.46 20.11 -15.79
CA PRO B 168 -25.54 19.43 -15.09
C PRO B 168 -25.51 17.90 -15.15
N SER B 169 -24.88 17.31 -16.16
CA SER B 169 -24.90 15.84 -16.28
C SER B 169 -23.65 15.19 -15.72
N LEU B 170 -22.73 16.01 -15.19
CA LEU B 170 -21.46 15.49 -14.70
C LEU B 170 -21.60 14.87 -13.33
N ASP B 171 -21.08 13.67 -13.15
CA ASP B 171 -21.02 13.10 -11.82
C ASP B 171 -19.96 13.81 -11.00
N ILE B 172 -20.37 14.26 -9.81
CA ILE B 172 -19.48 15.02 -8.94
C ILE B 172 -19.40 14.34 -7.60
N GLU B 173 -18.17 13.96 -7.25
CA GLU B 173 -17.87 13.27 -6.00
C GLU B 173 -17.24 14.23 -5.00
N VAL B 174 -17.63 14.10 -3.73
CA VAL B 174 -16.94 14.83 -2.67
C VAL B 174 -16.24 13.83 -1.78
N ASP B 175 -15.12 14.24 -1.19
CA ASP B 175 -14.31 13.32 -0.42
C ASP B 175 -13.52 14.13 0.58
N GLY B 176 -13.72 13.83 1.87
CA GLY B 176 -12.97 14.49 2.92
C GLY B 176 -13.87 14.97 4.05
N GLY B 177 -13.91 14.23 5.14
CA GLY B 177 -14.73 14.63 6.28
C GLY B 177 -16.21 14.61 5.97
N VAL B 178 -16.62 13.82 4.98
CA VAL B 178 -18.04 13.75 4.65
C VAL B 178 -18.69 12.64 5.45
N GLY B 179 -19.79 12.99 6.13
CA GLY B 179 -20.55 12.01 6.89
C GLY B 179 -21.96 12.55 7.03
N PRO B 180 -22.78 11.92 7.88
CA PRO B 180 -24.16 12.40 8.01
C PRO B 180 -24.26 13.86 8.44
N ASP B 181 -23.25 14.37 9.13
CA ASP B 181 -23.27 15.76 9.58
C ASP B 181 -23.07 16.76 8.44
N THR B 182 -22.36 16.36 7.38
CA THR B 182 -21.99 17.30 6.33
C THR B 182 -22.52 16.92 4.95
N VAL B 183 -23.16 15.76 4.84
CA VAL B 183 -23.62 15.30 3.53
C VAL B 183 -24.66 16.25 2.92
N HIS B 184 -25.51 16.86 3.74
CA HIS B 184 -26.51 17.74 3.16
C HIS B 184 -25.87 18.96 2.50
N LYS B 185 -24.81 19.48 3.11
CA LYS B 185 -24.09 20.60 2.50
C LYS B 185 -23.58 20.22 1.11
N CYS B 186 -23.06 19.01 0.99
CA CYS B 186 -22.54 18.54 -0.29
C CYS B 186 -23.67 18.36 -1.29
N ALA B 187 -24.75 17.76 -0.84
CA ALA B 187 -25.87 17.43 -1.73
C ALA B 187 -26.58 18.69 -2.20
N GLU B 188 -26.79 19.65 -1.30
CA GLU B 188 -27.43 20.91 -1.65
CA GLU B 188 -27.45 20.89 -1.68
C GLU B 188 -26.62 21.67 -2.68
N ALA B 189 -25.29 21.50 -2.62
CA ALA B 189 -24.39 22.14 -3.57
C ALA B 189 -24.35 21.44 -4.93
N GLY B 190 -24.77 20.18 -4.99
CA GLY B 190 -24.85 19.49 -6.27
C GLY B 190 -24.12 18.16 -6.37
N ALA B 191 -23.44 17.73 -5.29
CA ALA B 191 -22.70 16.48 -5.35
C ALA B 191 -23.66 15.30 -5.42
N ASN B 192 -23.30 14.30 -6.23
CA ASN B 192 -24.13 13.10 -6.30
C ASN B 192 -23.38 11.81 -5.97
N MET B 193 -22.07 11.91 -5.76
CA MET B 193 -21.30 10.74 -5.35
C MET B 193 -20.62 11.10 -4.05
N ILE B 194 -20.88 10.33 -3.01
CA ILE B 194 -20.42 10.69 -1.69
C ILE B 194 -19.47 9.64 -1.15
N VAL B 195 -18.25 10.06 -0.82
CA VAL B 195 -17.28 9.18 -0.14
C VAL B 195 -17.36 9.45 1.36
N SER B 196 -17.53 8.40 2.15
CA SER B 196 -17.52 8.55 3.61
C SER B 196 -16.74 7.38 4.18
N GLY B 197 -15.98 7.65 5.24
CA GLY B 197 -15.14 6.63 5.84
C GLY B 197 -15.67 6.15 7.18
N SER B 198 -15.12 6.71 8.25
CA SER B 198 -15.41 6.23 9.60
CA SER B 198 -15.41 6.22 9.60
C SER B 198 -16.89 6.19 9.94
N ALA B 199 -17.64 7.20 9.48
CA ALA B 199 -19.06 7.23 9.82
C ALA B 199 -19.79 5.98 9.33
N ILE B 200 -19.30 5.39 8.24
CA ILE B 200 -19.88 4.14 7.75
C ILE B 200 -19.17 2.94 8.39
N MET B 201 -17.84 2.97 8.35
CA MET B 201 -17.00 1.85 8.77
CA MET B 201 -17.02 1.83 8.77
C MET B 201 -17.16 1.46 10.25
N ARG B 202 -17.33 2.48 11.10
CA ARG B 202 -17.40 2.28 12.54
CA ARG B 202 -17.39 2.26 12.54
C ARG B 202 -18.76 1.78 13.01
N SER B 203 -19.79 2.04 12.22
CA SER B 203 -21.17 1.74 12.62
C SER B 203 -21.47 0.26 12.79
N GLU B 204 -22.36 -0.05 13.74
CA GLU B 204 -22.88 -1.39 13.91
C GLU B 204 -23.83 -1.77 12.77
N ASP B 205 -24.33 -0.75 12.07
CA ASP B 205 -25.35 -0.93 11.05
C ASP B 205 -24.96 -0.05 9.87
N PRO B 206 -23.89 -0.43 9.16
CA PRO B 206 -23.47 0.43 8.05
C PRO B 206 -24.55 0.62 6.99
N ARG B 207 -25.43 -0.37 6.81
CA ARG B 207 -26.49 -0.21 5.83
C ARG B 207 -27.34 1.02 6.17
N SER B 208 -27.61 1.23 7.45
CA SER B 208 -28.45 2.37 7.84
CA SER B 208 -28.44 2.36 7.86
C SER B 208 -27.74 3.69 7.56
N VAL B 209 -26.43 3.73 7.79
CA VAL B 209 -25.68 4.96 7.56
C VAL B 209 -25.59 5.23 6.07
N ILE B 210 -25.33 4.18 5.30
CA ILE B 210 -25.27 4.33 3.84
C ILE B 210 -26.63 4.81 3.31
N ASN B 211 -27.71 4.21 3.80
CA ASN B 211 -29.05 4.64 3.38
C ASN B 211 -29.35 6.08 3.76
N LEU B 212 -28.94 6.49 4.95
CA LEU B 212 -29.12 7.88 5.36
C LEU B 212 -28.37 8.83 4.42
N LEU B 213 -27.09 8.54 4.17
CA LEU B 213 -26.32 9.40 3.27
C LEU B 213 -26.96 9.49 1.91
N ARG B 214 -27.39 8.34 1.39
CA ARG B 214 -27.94 8.31 0.05
C ARG B 214 -29.26 9.05 -0.01
N ASN B 215 -30.10 8.87 0.99
CA ASN B 215 -31.39 9.54 0.92
CA ASN B 215 -31.41 9.52 1.06
C ASN B 215 -31.31 11.03 1.19
N VAL B 216 -30.39 11.47 2.05
CA VAL B 216 -30.19 12.91 2.19
C VAL B 216 -29.78 13.45 0.83
N CYS B 217 -28.85 12.76 0.19
CA CYS B 217 -28.37 13.20 -1.11
CA CYS B 217 -28.38 13.21 -1.12
C CYS B 217 -29.50 13.24 -2.15
N SER B 218 -30.24 12.14 -2.24
CA SER B 218 -31.29 12.01 -3.24
CA SER B 218 -31.29 12.02 -3.24
C SER B 218 -32.41 13.03 -3.01
N GLU B 219 -32.79 13.23 -1.77
CA GLU B 219 -33.90 14.15 -1.50
CA GLU B 219 -33.89 14.14 -1.49
C GLU B 219 -33.49 15.59 -1.73
N ALA B 220 -32.22 15.90 -1.50
CA ALA B 220 -31.75 17.25 -1.78
C ALA B 220 -31.69 17.45 -3.28
N ALA B 221 -31.25 16.42 -4.00
CA ALA B 221 -31.17 16.47 -5.45
C ALA B 221 -32.56 16.59 -6.08
N GLN B 222 -33.52 15.84 -5.53
CA GLN B 222 -34.91 15.93 -5.99
C GLN B 222 -35.48 17.32 -5.73
N LYS B 223 -35.15 17.90 -4.58
CA LYS B 223 -35.64 19.24 -4.26
C LYS B 223 -35.20 20.26 -5.31
N ARG B 224 -33.90 20.32 -5.61
CA ARG B 224 -33.41 21.28 -6.60
C ARG B 224 -34.07 21.12 -7.96
N SER B 225 -34.36 19.88 -8.33
CA SER B 225 -35.05 19.60 -9.59
C SER B 225 -36.44 20.24 -9.64
#